data_9JPL
#
_entry.id   9JPL
#
_cell.length_a   128.000
_cell.length_b   128.000
_cell.length_c   42.950
_cell.angle_alpha   90.000
_cell.angle_beta   90.000
_cell.angle_gamma   90.000
#
_symmetry.space_group_name_H-M   'P 41 21 2'
#
loop_
_entity.id
_entity.type
_entity.pdbx_description
1 polymer 'Pyruvate dehydrogenase complex repressor'
2 non-polymer 'CHLORIDE ION'
3 non-polymer '(2R)-2-hydroxypentanedioic acid'
4 non-polymer 'ZINC ION'
5 water water
#
_entity_poly.entity_id   1
_entity_poly.type   'polypeptide(L)'
_entity_poly.pdbx_seq_one_letter_code
;MLSKSLTLTEQVARQIAGDIAEGVHSVGAKLPPGRVLAEQYGVSAAVIREATERLRAQGLIQSRQGSGSVVVSRTGAQGF
QVSAGLDDREQLASVYELRMELEGGAAALAARRRNATDLAAMAEALAALEANLDHPEQGVEHDIAFHVAIAAATHNRYYQ
DLLQYLNLQLRLAVSTARTNSRRQEGLTAVVHQEHVAVYDAILAGDPDRARLAATRHLQQAASRLRLDLLSPAARQTS
;
_entity_poly.pdbx_strand_id   A,B
#
loop_
_chem_comp.id
_chem_comp.type
_chem_comp.name
_chem_comp.formula
2HG non-polymer '(2R)-2-hydroxypentanedioic acid' 'C5 H8 O5'
CL non-polymer 'CHLORIDE ION' 'Cl -1'
ZN non-polymer 'ZINC ION' 'Zn 2'
#
# COMPACT_ATOMS: atom_id res chain seq x y z
N VAL A 82 20.94 1.94 -18.16
CA VAL A 82 20.58 3.20 -17.52
C VAL A 82 21.73 3.63 -16.60
N SER A 83 21.91 4.94 -16.42
CA SER A 83 22.99 5.45 -15.58
C SER A 83 22.39 5.91 -14.25
N ALA A 84 22.80 5.24 -13.17
CA ALA A 84 22.32 5.57 -11.85
C ALA A 84 23.28 4.96 -10.84
N GLY A 85 23.53 5.68 -9.76
CA GLY A 85 24.24 5.08 -8.65
C GLY A 85 23.49 3.89 -8.09
N LEU A 86 24.23 3.05 -7.38
CA LEU A 86 23.59 1.87 -6.79
C LEU A 86 22.51 2.28 -5.79
N ASP A 87 22.78 3.31 -4.98
CA ASP A 87 21.78 3.77 -4.00
C ASP A 87 20.56 4.37 -4.69
N ASP A 88 20.76 5.14 -5.77
CA ASP A 88 19.63 5.67 -6.56
C ASP A 88 18.76 4.54 -7.10
N ARG A 89 19.37 3.49 -7.64
CA ARG A 89 18.59 2.38 -8.18
C ARG A 89 17.79 1.68 -7.09
N GLU A 90 18.41 1.50 -5.91
CA GLU A 90 17.69 0.95 -4.76
C GLU A 90 16.54 1.85 -4.35
N GLN A 91 16.78 3.16 -4.32
CA GLN A 91 15.72 4.08 -3.92
C GLN A 91 14.56 4.05 -4.91
N LEU A 92 14.86 4.06 -6.21
CA LEU A 92 13.81 3.97 -7.23
C LEU A 92 13.05 2.66 -7.13
N ALA A 93 13.78 1.55 -6.94
CA ALA A 93 13.13 0.26 -6.77
C ALA A 93 12.22 0.26 -5.54
N SER A 94 12.62 0.95 -4.49
CA SER A 94 11.79 1.02 -3.29
C SER A 94 10.50 1.81 -3.55
N VAL A 95 10.59 2.90 -4.32
CA VAL A 95 9.40 3.70 -4.64
C VAL A 95 8.44 2.89 -5.50
N TYR A 96 8.98 2.19 -6.51
CA TYR A 96 8.11 1.42 -7.39
C TYR A 96 7.49 0.23 -6.66
N GLU A 97 8.23 -0.42 -5.76
CA GLU A 97 7.68 -1.49 -4.93
C GLU A 97 6.46 -1.03 -4.16
N LEU A 98 6.60 0.12 -3.48
CA LEU A 98 5.53 0.66 -2.66
C LEU A 98 4.34 1.11 -3.51
N ARG A 99 4.62 1.77 -4.65
CA ARG A 99 3.56 2.20 -5.56
C ARG A 99 2.75 1.01 -6.05
N MET A 100 3.41 -0.12 -6.32
CA MET A 100 2.69 -1.27 -6.82
C MET A 100 1.61 -1.71 -5.83
N GLU A 101 1.92 -1.67 -4.53
CA GLU A 101 0.94 -2.07 -3.52
C GLU A 101 -0.10 -0.97 -3.31
N LEU A 102 0.35 0.27 -3.13
CA LEU A 102 -0.58 1.38 -2.92
C LEU A 102 -1.48 1.61 -4.12
N GLU A 103 -0.87 1.75 -5.32
CA GLU A 103 -1.63 2.16 -6.49
C GLU A 103 -2.42 1.00 -7.10
N GLY A 104 -1.93 -0.23 -6.98
CA GLY A 104 -2.78 -1.36 -7.33
C GLY A 104 -4.05 -1.39 -6.50
N GLY A 105 -3.92 -1.14 -5.20
CA GLY A 105 -5.10 -1.12 -4.34
C GLY A 105 -5.99 0.07 -4.64
N ALA A 106 -5.40 1.24 -4.89
CA ALA A 106 -6.19 2.42 -5.22
C ALA A 106 -7.00 2.23 -6.49
N ALA A 107 -6.42 1.57 -7.50
CA ALA A 107 -7.13 1.39 -8.75
C ALA A 107 -8.32 0.44 -8.56
N ALA A 108 -8.15 -0.58 -7.73
CA ALA A 108 -9.24 -1.50 -7.44
C ALA A 108 -10.38 -0.79 -6.72
N LEU A 109 -10.03 0.05 -5.75
CA LEU A 109 -11.06 0.80 -5.03
C LEU A 109 -11.71 1.84 -5.93
N ALA A 110 -10.92 2.48 -6.82
CA ALA A 110 -11.48 3.46 -7.74
C ALA A 110 -12.47 2.82 -8.70
N ALA A 111 -12.17 1.60 -9.16
CA ALA A 111 -13.09 0.89 -10.05
C ALA A 111 -14.44 0.62 -9.38
N ARG A 112 -14.46 0.44 -8.06
CA ARG A 112 -15.72 0.31 -7.33
C ARG A 112 -16.42 1.65 -7.14
N ARG A 113 -15.69 2.70 -6.75
CA ARG A 113 -16.31 3.88 -6.15
C ARG A 113 -16.32 5.15 -7.01
N ARG A 114 -15.58 5.19 -8.12
CA ARG A 114 -15.41 6.46 -8.82
C ARG A 114 -16.76 7.02 -9.29
N ASN A 115 -16.92 8.34 -9.18
CA ASN A 115 -18.07 9.04 -9.73
C ASN A 115 -17.67 9.78 -11.00
N ALA A 116 -18.62 10.55 -11.57
CA ALA A 116 -18.36 11.22 -12.84
C ALA A 116 -17.30 12.32 -12.70
N THR A 117 -17.18 12.93 -11.52
CA THR A 117 -16.14 13.93 -11.31
C THR A 117 -14.75 13.29 -11.32
N ASP A 118 -14.63 12.11 -10.70
CA ASP A 118 -13.37 11.38 -10.70
C ASP A 118 -12.97 11.02 -12.11
N LEU A 119 -13.92 10.53 -12.91
CA LEU A 119 -13.64 10.20 -14.29
C LEU A 119 -13.16 11.43 -15.05
N ALA A 120 -13.78 12.58 -14.79
CA ALA A 120 -13.36 13.81 -15.45
C ALA A 120 -11.91 14.15 -15.11
N ALA A 121 -11.56 14.08 -13.81
CA ALA A 121 -10.21 14.40 -13.38
C ALA A 121 -9.16 13.50 -14.03
N MET A 122 -9.47 12.20 -14.16
CA MET A 122 -8.52 11.28 -14.79
C MET A 122 -8.39 11.58 -16.29
N ALA A 123 -9.53 11.72 -16.97
CA ALA A 123 -9.53 12.01 -18.40
C ALA A 123 -8.86 13.33 -18.70
N GLU A 124 -9.01 14.33 -17.81
CA GLU A 124 -8.32 15.60 -17.98
C GLU A 124 -6.80 15.44 -17.99
N ALA A 125 -6.28 14.60 -17.07
CA ALA A 125 -4.85 14.34 -17.06
C ALA A 125 -4.41 13.56 -18.30
N LEU A 126 -5.17 12.54 -18.71
CA LEU A 126 -4.84 11.81 -19.93
C LEU A 126 -4.81 12.72 -21.15
N ALA A 127 -5.80 13.60 -21.29
CA ALA A 127 -5.81 14.53 -22.43
C ALA A 127 -4.58 15.45 -22.41
N ALA A 128 -4.23 15.98 -21.24
CA ALA A 128 -3.04 16.81 -21.16
C ALA A 128 -1.81 16.01 -21.54
N LEU A 129 -1.76 14.74 -21.13
CA LEU A 129 -0.61 13.90 -21.47
C LEU A 129 -0.54 13.62 -22.97
N GLU A 130 -1.70 13.62 -23.65
CA GLU A 130 -1.69 13.32 -25.09
C GLU A 130 -0.96 14.40 -25.88
N ALA A 131 -0.99 15.65 -25.41
CA ALA A 131 -0.24 16.75 -26.02
C ALA A 131 1.15 16.88 -25.39
N ASN A 132 2.05 15.96 -25.77
CA ASN A 132 3.21 15.67 -24.94
C ASN A 132 4.46 16.48 -25.33
N LEU A 133 4.65 16.71 -26.63
CA LEU A 133 5.98 17.02 -27.16
C LEU A 133 6.64 18.19 -26.46
N ASP A 134 5.91 19.31 -26.29
CA ASP A 134 6.54 20.59 -25.98
C ASP A 134 7.38 20.54 -24.70
N HIS A 135 6.78 20.11 -23.58
CA HIS A 135 7.70 20.00 -22.45
C HIS A 135 7.51 18.81 -21.52
N PRO A 136 8.59 18.04 -21.35
CA PRO A 136 8.56 16.89 -20.42
C PRO A 136 8.29 17.28 -18.99
N GLU A 137 8.82 18.41 -18.52
CA GLU A 137 8.57 18.81 -17.13
C GLU A 137 7.08 18.90 -16.87
N GLN A 138 6.31 19.44 -17.83
CA GLN A 138 4.86 19.43 -17.74
C GLN A 138 4.33 18.01 -17.82
N GLY A 139 4.96 17.17 -18.67
CA GLY A 139 4.56 15.77 -18.76
C GLY A 139 4.62 15.05 -17.42
N VAL A 140 5.65 15.31 -16.63
CA VAL A 140 5.81 14.67 -15.32
C VAL A 140 4.63 15.03 -14.40
N GLU A 141 4.24 16.30 -14.37
CA GLU A 141 3.18 16.70 -13.44
C GLU A 141 1.83 16.13 -13.86
N HIS A 142 1.56 15.98 -15.16
CA HIS A 142 0.28 15.41 -15.58
C HIS A 142 0.21 13.91 -15.31
N ASP A 143 1.35 13.23 -15.41
CA ASP A 143 1.49 11.82 -15.03
C ASP A 143 1.17 11.63 -13.56
N ILE A 144 1.83 12.38 -12.67
CA ILE A 144 1.52 12.29 -11.24
C ILE A 144 0.05 12.62 -10.98
N ALA A 145 -0.48 13.65 -11.64
CA ALA A 145 -1.87 14.07 -11.40
C ALA A 145 -2.85 12.97 -11.79
N PHE A 146 -2.55 12.21 -12.84
CA PHE A 146 -3.38 11.07 -13.20
C PHE A 146 -3.39 10.02 -12.08
N HIS A 147 -2.22 9.66 -11.55
CA HIS A 147 -2.17 8.66 -10.48
C HIS A 147 -2.81 9.19 -9.20
N VAL A 148 -2.61 10.48 -8.88
CA VAL A 148 -3.26 11.08 -7.73
C VAL A 148 -4.79 11.08 -7.90
N ALA A 149 -5.27 11.35 -9.11
CA ALA A 149 -6.71 11.31 -9.38
C ALA A 149 -7.28 9.92 -9.13
N ILE A 150 -6.52 8.86 -9.44
CA ILE A 150 -7.00 7.52 -9.12
C ILE A 150 -7.12 7.35 -7.62
N ALA A 151 -6.11 7.83 -6.87
CA ALA A 151 -6.18 7.76 -5.41
C ALA A 151 -7.36 8.55 -4.86
N ALA A 152 -7.64 9.73 -5.42
CA ALA A 152 -8.80 10.46 -4.92
C ALA A 152 -10.09 9.70 -5.22
N ALA A 153 -10.13 8.97 -6.34
CA ALA A 153 -11.32 8.23 -6.70
C ALA A 153 -11.57 7.02 -5.81
N THR A 154 -10.66 6.69 -4.88
CA THR A 154 -10.99 5.68 -3.88
C THR A 154 -12.05 6.16 -2.90
N HIS A 155 -12.23 7.48 -2.78
CA HIS A 155 -13.07 8.07 -1.74
C HIS A 155 -12.64 7.63 -0.35
N ASN A 156 -11.35 7.33 -0.21
CA ASN A 156 -10.75 6.99 1.06
C ASN A 156 -9.81 8.13 1.41
N ARG A 157 -10.16 8.86 2.47
CA ARG A 157 -9.41 10.00 2.95
C ARG A 157 -7.90 9.73 3.05
N TYR A 158 -7.54 8.52 3.43
CA TYR A 158 -6.14 8.23 3.76
C TYR A 158 -5.31 7.88 2.53
N TYR A 159 -5.95 7.32 1.50
CA TYR A 159 -5.26 7.03 0.23
C TYR A 159 -4.76 8.30 -0.43
N GLN A 160 -5.64 9.29 -0.57
CA GLN A 160 -5.30 10.55 -1.21
C GLN A 160 -4.18 11.26 -0.45
N ASP A 161 -4.28 11.28 0.88
CA ASP A 161 -3.26 11.93 1.71
C ASP A 161 -1.90 11.27 1.53
N LEU A 162 -1.86 9.94 1.48
CA LEU A 162 -0.60 9.23 1.32
C LEU A 162 0.09 9.58 0.00
N LEU A 163 -0.67 9.71 -1.09
CA LEU A 163 -0.03 10.06 -2.36
C LEU A 163 0.51 11.48 -2.36
N GLN A 164 -0.18 12.40 -1.68
CA GLN A 164 0.36 13.74 -1.52
C GLN A 164 1.61 13.72 -0.66
N TYR A 165 1.60 12.93 0.41
CA TYR A 165 2.76 12.77 1.26
C TYR A 165 3.98 12.29 0.48
N LEU A 166 3.77 11.47 -0.55
CA LEU A 166 4.84 10.91 -1.37
C LEU A 166 5.12 11.72 -2.61
N ASN A 167 4.70 12.98 -2.67
CA ASN A 167 4.81 13.72 -3.93
C ASN A 167 6.26 13.86 -4.39
N LEU A 168 7.22 14.00 -3.47
CA LEU A 168 8.60 14.12 -3.92
C LEU A 168 9.13 12.80 -4.45
N GLN A 169 8.74 11.68 -3.84
CA GLN A 169 9.18 10.38 -4.34
C GLN A 169 8.54 10.08 -5.68
N LEU A 170 7.26 10.43 -5.85
CA LEU A 170 6.59 10.25 -7.12
C LEU A 170 7.29 11.04 -8.21
N ARG A 171 7.63 12.30 -7.93
CA ARG A 171 8.24 13.13 -8.96
C ARG A 171 9.60 12.58 -9.33
N LEU A 172 10.34 12.07 -8.33
CA LEU A 172 11.62 11.44 -8.60
C LEU A 172 11.47 10.23 -9.52
N ALA A 173 10.56 9.32 -9.18
CA ALA A 173 10.36 8.14 -9.99
C ALA A 173 9.83 8.51 -11.38
N VAL A 174 8.79 9.34 -11.43
CA VAL A 174 8.14 9.66 -12.71
C VAL A 174 9.07 10.47 -13.61
N SER A 175 9.80 11.44 -13.05
CA SER A 175 10.71 12.19 -13.92
C SER A 175 11.84 11.30 -14.45
N THR A 176 12.40 10.42 -13.60
CA THR A 176 13.45 9.53 -14.08
C THR A 176 12.92 8.61 -15.18
N ALA A 177 11.71 8.06 -14.97
CA ALA A 177 11.12 7.15 -15.94
C ALA A 177 10.83 7.82 -17.27
N ARG A 178 10.18 8.99 -17.24
CA ARG A 178 9.77 9.61 -18.49
C ARG A 178 10.98 10.08 -19.30
N THR A 179 11.98 10.66 -18.62
CA THR A 179 13.25 10.99 -19.28
C THR A 179 13.88 9.77 -19.95
N ASN A 180 13.90 8.63 -19.24
CA ASN A 180 14.46 7.42 -19.83
C ASN A 180 13.65 6.96 -21.04
N SER A 181 12.31 7.01 -20.96
CA SER A 181 11.49 6.48 -22.05
C SER A 181 11.58 7.31 -23.32
N ARG A 182 11.87 8.61 -23.22
CA ARG A 182 12.04 9.41 -24.42
C ARG A 182 13.30 9.04 -25.21
N ARG A 183 14.16 8.17 -24.68
CA ARG A 183 15.35 7.77 -25.42
C ARG A 183 15.03 6.82 -26.56
N GLN A 184 13.91 6.10 -26.46
CA GLN A 184 13.49 5.09 -27.45
C GLN A 184 12.30 5.63 -28.22
N GLU A 185 12.44 5.77 -29.54
CA GLU A 185 11.34 6.27 -30.35
C GLU A 185 10.08 5.42 -30.13
N GLY A 186 8.95 6.10 -30.02
CA GLY A 186 7.67 5.44 -29.83
C GLY A 186 7.37 4.89 -28.45
N LEU A 187 8.36 4.86 -27.53
CA LEU A 187 8.12 4.29 -26.21
C LEU A 187 7.11 5.10 -25.42
N THR A 188 7.11 6.43 -25.58
CA THR A 188 6.18 7.23 -24.78
C THR A 188 4.74 6.95 -25.15
N ALA A 189 4.46 6.64 -26.41
CA ALA A 189 3.09 6.28 -26.79
C ALA A 189 2.70 4.93 -26.19
N VAL A 190 3.64 4.00 -26.12
CA VAL A 190 3.40 2.71 -25.46
C VAL A 190 3.07 2.94 -23.98
N VAL A 191 3.85 3.78 -23.31
CA VAL A 191 3.57 4.09 -21.91
C VAL A 191 2.21 4.75 -21.78
N HIS A 192 1.85 5.62 -22.72
CA HIS A 192 0.54 6.26 -22.64
C HIS A 192 -0.58 5.22 -22.65
N GLN A 193 -0.45 4.16 -23.44
CA GLN A 193 -1.49 3.12 -23.43
C GLN A 193 -1.56 2.40 -22.08
N GLU A 194 -0.45 2.33 -21.34
CA GLU A 194 -0.49 1.80 -19.99
C GLU A 194 -1.40 2.64 -19.09
N HIS A 195 -1.34 3.97 -19.22
CA HIS A 195 -2.25 4.84 -18.46
C HIS A 195 -3.69 4.66 -18.92
N VAL A 196 -3.90 4.54 -20.24
CA VAL A 196 -5.25 4.34 -20.75
C VAL A 196 -5.85 3.06 -20.19
N ALA A 197 -5.04 2.00 -20.06
CA ALA A 197 -5.55 0.71 -19.60
C ALA A 197 -6.05 0.79 -18.16
N VAL A 198 -5.38 1.57 -17.32
CA VAL A 198 -5.87 1.77 -15.96
C VAL A 198 -7.18 2.54 -16.00
N TYR A 199 -7.22 3.61 -16.78
CA TYR A 199 -8.43 4.42 -16.87
C TYR A 199 -9.61 3.60 -17.39
N ASP A 200 -9.38 2.78 -18.42
CA ASP A 200 -10.43 1.98 -19.04
C ASP A 200 -11.00 0.96 -18.07
N ALA A 201 -10.13 0.34 -17.26
CA ALA A 201 -10.56 -0.64 -16.28
C ALA A 201 -11.42 0.01 -15.20
N ILE A 202 -11.03 1.21 -14.76
CA ILE A 202 -11.79 1.95 -13.78
C ILE A 202 -13.12 2.42 -14.35
N LEU A 203 -13.11 2.94 -15.58
CA LEU A 203 -14.34 3.29 -16.28
C LEU A 203 -15.33 2.13 -16.33
N ALA A 204 -14.84 0.93 -16.66
CA ALA A 204 -15.66 -0.26 -16.75
C ALA A 204 -16.11 -0.78 -15.39
N GLY A 205 -15.60 -0.21 -14.30
CA GLY A 205 -15.96 -0.68 -12.97
C GLY A 205 -15.51 -2.10 -12.67
N ASP A 206 -14.30 -2.48 -13.12
CA ASP A 206 -13.74 -3.81 -12.98
C ASP A 206 -12.52 -3.79 -12.05
N PRO A 207 -12.68 -4.07 -10.75
CA PRO A 207 -11.56 -3.91 -9.81
C PRO A 207 -10.37 -4.81 -10.08
N ASP A 208 -10.59 -6.09 -10.40
CA ASP A 208 -9.47 -6.98 -10.64
C ASP A 208 -8.68 -6.56 -11.88
N ARG A 209 -9.40 -6.11 -12.91
CA ARG A 209 -8.73 -5.63 -14.10
C ARG A 209 -7.97 -4.33 -13.81
N ALA A 210 -8.56 -3.46 -12.98
CA ALA A 210 -7.93 -2.17 -12.69
C ALA A 210 -6.67 -2.36 -11.87
N ARG A 211 -6.71 -3.26 -10.89
CA ARG A 211 -5.55 -3.58 -10.10
C ARG A 211 -4.42 -4.11 -10.98
N LEU A 212 -4.75 -5.00 -11.91
CA LEU A 212 -3.70 -5.57 -12.75
C LEU A 212 -3.08 -4.52 -13.66
N ALA A 213 -3.91 -3.69 -14.29
CA ALA A 213 -3.36 -2.66 -15.18
C ALA A 213 -2.48 -1.68 -14.42
N ALA A 214 -2.88 -1.34 -13.19
CA ALA A 214 -2.08 -0.41 -12.38
C ALA A 214 -0.73 -1.01 -12.01
N THR A 215 -0.74 -2.24 -11.51
CA THR A 215 0.52 -2.86 -11.12
C THR A 215 1.40 -3.15 -12.34
N ARG A 216 0.77 -3.49 -13.48
CA ARG A 216 1.53 -3.77 -14.69
C ARG A 216 2.22 -2.52 -15.22
N HIS A 217 1.56 -1.37 -15.17
CA HIS A 217 2.20 -0.10 -15.54
C HIS A 217 3.47 0.12 -14.73
N LEU A 218 3.41 -0.14 -13.42
CA LEU A 218 4.55 0.12 -12.54
C LEU A 218 5.64 -0.95 -12.73
N GLN A 219 5.23 -2.19 -13.00
CA GLN A 219 6.20 -3.25 -13.31
C GLN A 219 6.98 -2.94 -14.58
N GLN A 220 6.28 -2.46 -15.62
CA GLN A 220 6.95 -2.17 -16.89
C GLN A 220 7.87 -0.96 -16.75
N ALA A 221 7.44 0.06 -15.99
CA ALA A 221 8.31 1.22 -15.74
C ALA A 221 9.58 0.80 -15.02
N ALA A 222 9.44 -0.04 -13.98
CA ALA A 222 10.59 -0.52 -13.24
C ALA A 222 11.52 -1.31 -14.12
N SER A 223 10.95 -2.06 -15.06
CA SER A 223 11.73 -2.89 -15.96
C SER A 223 12.37 -2.07 -17.08
N ARG A 224 11.69 -1.02 -17.55
CA ARG A 224 12.34 -0.10 -18.48
C ARG A 224 13.58 0.54 -17.86
N LEU A 225 13.55 0.81 -16.56
CA LEU A 225 14.67 1.39 -15.83
C LEU A 225 15.67 0.36 -15.33
N ARG A 226 15.45 -0.93 -15.62
CA ARG A 226 16.32 -2.02 -15.18
C ARG A 226 16.51 -2.01 -13.67
N LEU A 227 15.38 -1.94 -12.96
CA LEU A 227 15.40 -1.92 -11.50
C LEU A 227 15.40 -3.31 -10.88
N ASP A 228 15.09 -4.35 -11.66
CA ASP A 228 15.15 -5.74 -11.20
C ASP A 228 14.44 -5.92 -9.85
N LEU A 229 13.14 -5.62 -9.85
CA LEU A 229 12.33 -5.70 -8.64
C LEU A 229 12.24 -7.13 -8.11
N SER B 83 -11.44 8.36 20.12
CA SER B 83 -11.54 7.77 21.46
C SER B 83 -12.74 6.83 21.63
N ALA B 84 -13.45 6.51 20.54
CA ALA B 84 -14.61 5.61 20.61
C ALA B 84 -14.87 5.01 19.24
N GLY B 85 -16.10 4.51 19.02
CA GLY B 85 -16.34 3.79 17.77
C GLY B 85 -17.75 3.37 17.39
N LEU B 86 -18.78 3.92 18.05
CA LEU B 86 -20.15 3.46 17.79
C LEU B 86 -20.61 3.81 16.37
N ASP B 87 -20.62 5.11 16.03
CA ASP B 87 -20.97 5.59 14.69
C ASP B 87 -19.74 5.95 13.88
N ASP B 88 -18.58 5.42 14.27
CA ASP B 88 -17.32 5.66 13.60
C ASP B 88 -16.90 4.46 12.76
N ARG B 89 -17.86 3.61 12.39
CA ARG B 89 -17.53 2.38 11.68
C ARG B 89 -17.00 2.68 10.27
N GLU B 90 -17.58 3.65 9.57
CA GLU B 90 -17.08 3.94 8.23
C GLU B 90 -15.67 4.51 8.29
N GLN B 91 -15.35 5.26 9.33
CA GLN B 91 -13.98 5.72 9.47
C GLN B 91 -13.04 4.57 9.80
N LEU B 92 -13.43 3.70 10.73
CA LEU B 92 -12.64 2.49 10.98
C LEU B 92 -12.50 1.66 9.70
N ALA B 93 -13.56 1.59 8.89
CA ALA B 93 -13.47 0.80 7.68
C ALA B 93 -12.46 1.38 6.70
N SER B 94 -12.31 2.72 6.68
CA SER B 94 -11.34 3.35 5.79
C SER B 94 -9.90 3.06 6.22
N VAL B 95 -9.64 3.04 7.53
CA VAL B 95 -8.31 2.65 8.02
C VAL B 95 -8.00 1.20 7.68
N TYR B 96 -8.91 0.29 8.02
CA TYR B 96 -8.65 -1.13 7.78
C TYR B 96 -8.48 -1.43 6.31
N GLU B 97 -9.24 -0.74 5.45
CA GLU B 97 -9.15 -1.02 4.03
C GLU B 97 -7.81 -0.54 3.46
N LEU B 98 -7.27 0.56 3.99
CA LEU B 98 -5.95 1.01 3.59
C LEU B 98 -4.87 0.09 4.13
N ARG B 99 -4.99 -0.34 5.40
CA ARG B 99 -4.03 -1.28 5.97
C ARG B 99 -3.96 -2.57 5.17
N MET B 100 -5.08 -2.98 4.57
CA MET B 100 -5.10 -4.23 3.82
C MET B 100 -4.18 -4.18 2.61
N GLU B 101 -4.11 -3.05 1.94
CA GLU B 101 -3.20 -2.93 0.80
C GLU B 101 -1.76 -2.71 1.23
N LEU B 102 -1.54 -1.96 2.32
CA LEU B 102 -0.19 -1.66 2.76
C LEU B 102 0.45 -2.85 3.45
N GLU B 103 -0.30 -3.51 4.36
CA GLU B 103 0.30 -4.53 5.21
C GLU B 103 0.38 -5.87 4.50
N GLY B 104 -0.55 -6.17 3.58
CA GLY B 104 -0.37 -7.31 2.71
C GLY B 104 0.88 -7.20 1.86
N GLY B 105 1.10 -6.02 1.27
CA GLY B 105 2.34 -5.79 0.55
C GLY B 105 3.58 -5.86 1.44
N ALA B 106 3.50 -5.33 2.66
CA ALA B 106 4.67 -5.36 3.53
C ALA B 106 5.02 -6.78 3.94
N ALA B 107 4.02 -7.58 4.30
CA ALA B 107 4.27 -8.97 4.65
C ALA B 107 4.94 -9.72 3.51
N ALA B 108 4.50 -9.49 2.27
CA ALA B 108 5.09 -10.20 1.14
C ALA B 108 6.53 -9.76 0.89
N LEU B 109 6.80 -8.46 1.05
CA LEU B 109 8.17 -7.96 0.92
C LEU B 109 9.04 -8.50 2.04
N ALA B 110 8.55 -8.45 3.28
CA ALA B 110 9.30 -8.97 4.42
C ALA B 110 9.61 -10.46 4.27
N ALA B 111 8.69 -11.23 3.69
CA ALA B 111 8.94 -12.66 3.49
C ALA B 111 10.17 -12.89 2.62
N ARG B 112 10.46 -11.96 1.71
CA ARG B 112 11.60 -12.08 0.82
C ARG B 112 12.89 -11.50 1.39
N ARG B 113 12.80 -10.49 2.27
CA ARG B 113 13.96 -9.71 2.66
C ARG B 113 14.33 -9.81 4.14
N ARG B 114 13.50 -10.44 4.97
CA ARG B 114 13.76 -10.46 6.41
C ARG B 114 15.13 -11.05 6.71
N ASN B 115 15.84 -10.43 7.65
CA ASN B 115 17.08 -10.99 8.16
C ASN B 115 16.87 -11.38 9.62
N ALA B 116 17.95 -11.90 10.23
CA ALA B 116 17.87 -12.40 11.59
C ALA B 116 17.47 -11.30 12.55
N THR B 117 17.91 -10.07 12.31
CA THR B 117 17.52 -8.96 13.17
C THR B 117 16.03 -8.65 13.05
N ASP B 118 15.47 -8.78 11.85
CA ASP B 118 14.03 -8.57 11.69
C ASP B 118 13.23 -9.64 12.42
N LEU B 119 13.66 -10.90 12.29
CA LEU B 119 12.96 -11.99 12.98
C LEU B 119 12.93 -11.75 14.48
N ALA B 120 14.07 -11.34 15.05
CA ALA B 120 14.08 -11.04 16.47
C ALA B 120 13.11 -9.92 16.82
N ALA B 121 13.01 -8.89 15.97
CA ALA B 121 12.09 -7.80 16.29
C ALA B 121 10.64 -8.28 16.28
N MET B 122 10.25 -9.05 15.26
CA MET B 122 8.89 -9.57 15.23
C MET B 122 8.66 -10.56 16.36
N ALA B 123 9.62 -11.46 16.60
CA ALA B 123 9.45 -12.47 17.65
C ALA B 123 9.36 -11.81 19.03
N GLU B 124 10.17 -10.77 19.29
CA GLU B 124 10.07 -10.10 20.58
C GLU B 124 8.70 -9.45 20.75
N ALA B 125 8.16 -8.86 19.68
CA ALA B 125 6.82 -8.30 19.77
C ALA B 125 5.79 -9.38 20.03
N LEU B 126 5.96 -10.55 19.40
CA LEU B 126 5.02 -11.66 19.60
C LEU B 126 5.10 -12.20 21.01
N ALA B 127 6.29 -12.19 21.62
CA ALA B 127 6.42 -12.63 23.00
C ALA B 127 5.73 -11.66 23.94
N ALA B 128 5.97 -10.36 23.73
CA ALA B 128 5.30 -9.35 24.56
C ALA B 128 3.79 -9.42 24.38
N LEU B 129 3.32 -9.82 23.19
CA LEU B 129 1.88 -9.98 22.97
C LEU B 129 1.34 -11.21 23.67
N GLU B 130 2.18 -12.22 23.93
CA GLU B 130 1.75 -13.37 24.72
C GLU B 130 1.52 -13.00 26.18
N ALA B 131 2.27 -12.03 26.70
CA ALA B 131 2.09 -11.63 28.09
C ALA B 131 0.81 -10.83 28.28
N ASN B 132 0.37 -10.10 27.25
CA ASN B 132 -0.85 -9.32 27.37
C ASN B 132 -2.11 -10.16 27.32
N LEU B 133 -2.01 -11.45 26.96
CA LEU B 133 -3.15 -12.35 27.06
C LEU B 133 -3.63 -12.48 28.52
N ASP B 134 -2.79 -12.10 29.49
CA ASP B 134 -3.14 -12.11 30.90
C ASP B 134 -3.03 -10.76 31.58
N HIS B 135 -2.14 -9.88 31.11
CA HIS B 135 -1.95 -8.54 31.67
C HIS B 135 -2.07 -7.53 30.54
N PRO B 136 -3.30 -7.07 30.23
CA PRO B 136 -3.56 -6.42 28.94
C PRO B 136 -3.09 -4.97 28.82
N GLU B 137 -2.34 -4.44 29.79
CA GLU B 137 -1.80 -3.09 29.65
C GLU B 137 -0.69 -3.07 28.59
N GLN B 138 -0.71 -2.04 27.73
CA GLN B 138 0.25 -1.81 26.67
C GLN B 138 0.14 -2.81 25.52
N GLY B 139 -0.95 -3.58 25.46
CA GLY B 139 -1.14 -4.47 24.32
C GLY B 139 -1.24 -3.72 23.01
N VAL B 140 -1.74 -2.49 23.05
CA VAL B 140 -1.85 -1.72 21.82
C VAL B 140 -0.48 -1.36 21.29
N GLU B 141 0.43 -0.94 22.18
CA GLU B 141 1.79 -0.62 21.76
C GLU B 141 2.48 -1.83 21.15
N HIS B 142 2.27 -3.02 21.74
CA HIS B 142 2.95 -4.22 21.26
C HIS B 142 2.36 -4.74 19.97
N ASP B 143 1.03 -4.67 19.83
CA ASP B 143 0.37 -4.96 18.56
C ASP B 143 0.93 -4.08 17.44
N ILE B 144 0.95 -2.77 17.67
CA ILE B 144 1.54 -1.85 16.70
C ILE B 144 3.03 -2.17 16.49
N ALA B 145 3.77 -2.47 17.56
CA ALA B 145 5.19 -2.74 17.36
C ALA B 145 5.40 -3.96 16.49
N PHE B 146 4.51 -4.95 16.56
CA PHE B 146 4.62 -6.13 15.71
C PHE B 146 4.43 -5.77 14.23
N HIS B 147 3.40 -4.98 13.92
CA HIS B 147 3.18 -4.63 12.53
C HIS B 147 4.25 -3.67 12.04
N VAL B 148 4.75 -2.80 12.90
CA VAL B 148 5.87 -1.93 12.54
C VAL B 148 7.13 -2.76 12.28
N ALA B 149 7.35 -3.83 13.06
CA ALA B 149 8.50 -4.69 12.80
C ALA B 149 8.40 -5.36 11.43
N ILE B 150 7.19 -5.74 11.01
CA ILE B 150 7.03 -6.28 9.67
C ILE B 150 7.41 -5.24 8.63
N ALA B 151 6.94 -3.99 8.83
CA ALA B 151 7.26 -2.92 7.89
C ALA B 151 8.77 -2.69 7.79
N ALA B 152 9.46 -2.73 8.93
CA ALA B 152 10.92 -2.60 8.93
C ALA B 152 11.58 -3.75 8.18
N ALA B 153 11.02 -4.95 8.30
CA ALA B 153 11.55 -6.14 7.64
C ALA B 153 11.46 -6.10 6.12
N THR B 154 10.67 -5.18 5.55
CA THR B 154 10.70 -5.02 4.10
C THR B 154 12.04 -4.47 3.61
N HIS B 155 12.80 -3.82 4.50
CA HIS B 155 14.00 -3.07 4.12
C HIS B 155 13.69 -2.02 3.06
N ASN B 156 12.48 -1.47 3.14
CA ASN B 156 12.04 -0.40 2.28
C ASN B 156 11.68 0.77 3.18
N ARG B 157 12.49 1.84 3.11
CA ARG B 157 12.34 2.97 4.01
C ARG B 157 10.96 3.62 3.87
N TYR B 158 10.36 3.56 2.68
CA TYR B 158 9.10 4.27 2.49
C TYR B 158 7.94 3.54 3.13
N TYR B 159 7.97 2.20 3.19
CA TYR B 159 6.96 1.48 3.94
C TYR B 159 7.01 1.87 5.41
N GLN B 160 8.21 1.91 5.98
CA GLN B 160 8.34 2.26 7.38
C GLN B 160 7.84 3.68 7.63
N ASP B 161 8.19 4.62 6.75
CA ASP B 161 7.77 6.00 6.98
C ASP B 161 6.26 6.15 6.85
N LEU B 162 5.62 5.37 5.97
CA LEU B 162 4.17 5.45 5.81
C LEU B 162 3.43 4.97 7.07
N LEU B 163 3.94 3.90 7.70
CA LEU B 163 3.28 3.39 8.90
C LEU B 163 3.49 4.31 10.08
N GLN B 164 4.65 4.95 10.16
CA GLN B 164 4.84 5.97 11.18
C GLN B 164 3.95 7.18 10.90
N TYR B 165 3.77 7.53 9.63
CA TYR B 165 2.94 8.68 9.29
C TYR B 165 1.48 8.42 9.66
N LEU B 166 1.05 7.16 9.57
CA LEU B 166 -0.29 6.73 9.90
C LEU B 166 -0.43 6.23 11.33
N ASN B 167 0.53 6.57 12.20
CA ASN B 167 0.57 5.94 13.51
C ASN B 167 -0.69 6.23 14.31
N LEU B 168 -1.24 7.45 14.20
CA LEU B 168 -2.43 7.78 14.98
C LEU B 168 -3.64 6.97 14.54
N GLN B 169 -3.76 6.72 13.24
CA GLN B 169 -4.85 5.89 12.72
C GLN B 169 -4.68 4.44 13.13
N LEU B 170 -3.44 3.95 13.14
CA LEU B 170 -3.20 2.59 13.60
C LEU B 170 -3.62 2.42 15.05
N ARG B 171 -3.21 3.37 15.90
CA ARG B 171 -3.60 3.32 17.31
C ARG B 171 -5.11 3.33 17.47
N LEU B 172 -5.80 4.17 16.67
CA LEU B 172 -7.25 4.20 16.73
C LEU B 172 -7.84 2.84 16.39
N ALA B 173 -7.41 2.25 15.27
CA ALA B 173 -7.96 0.98 14.83
C ALA B 173 -7.58 -0.14 15.81
N VAL B 174 -6.29 -0.29 16.11
CA VAL B 174 -5.83 -1.37 16.98
C VAL B 174 -6.51 -1.30 18.35
N SER B 175 -6.47 -0.13 18.99
CA SER B 175 -7.02 -0.01 20.33
C SER B 175 -8.54 -0.21 20.33
N THR B 176 -9.22 0.16 19.25
CA THR B 176 -10.65 -0.14 19.15
C THR B 176 -10.89 -1.63 19.00
N ALA B 177 -10.07 -2.29 18.17
CA ALA B 177 -10.27 -3.72 17.91
C ALA B 177 -9.91 -4.55 19.14
N ARG B 178 -8.86 -4.16 19.88
CA ARG B 178 -8.44 -4.94 21.04
C ARG B 178 -9.41 -4.76 22.20
N THR B 179 -9.82 -3.52 22.49
CA THR B 179 -10.84 -3.29 23.51
C THR B 179 -12.09 -4.11 23.22
N ASN B 180 -12.54 -4.12 21.96
CA ASN B 180 -13.70 -4.94 21.59
C ASN B 180 -13.41 -6.42 21.76
N SER B 181 -12.20 -6.86 21.42
CA SER B 181 -11.91 -8.30 21.46
C SER B 181 -11.89 -8.83 22.89
N ARG B 182 -11.47 -8.01 23.86
CA ARG B 182 -11.26 -8.52 25.21
C ARG B 182 -12.55 -8.66 26.00
N ARG B 183 -13.70 -8.51 25.35
CA ARG B 183 -14.98 -8.77 26.00
C ARG B 183 -15.53 -10.14 25.64
N GLN B 184 -14.69 -11.03 25.10
CA GLN B 184 -15.15 -12.32 24.61
C GLN B 184 -14.05 -13.37 24.68
N GLU B 185 -14.38 -14.51 25.30
CA GLU B 185 -13.70 -15.77 25.04
C GLU B 185 -12.22 -15.69 25.41
N GLY B 186 -11.42 -16.50 24.74
CA GLY B 186 -10.04 -16.17 24.49
C GLY B 186 -9.95 -15.66 23.07
N LEU B 187 -10.85 -14.75 22.68
CA LEU B 187 -10.73 -14.11 21.37
C LEU B 187 -9.37 -13.46 21.22
N THR B 188 -8.86 -12.86 22.30
CA THR B 188 -7.51 -12.32 22.31
C THR B 188 -6.48 -13.38 21.93
N ALA B 189 -6.77 -14.66 22.24
CA ALA B 189 -5.86 -15.74 21.86
C ALA B 189 -6.02 -16.12 20.39
N VAL B 190 -7.24 -15.99 19.85
CA VAL B 190 -7.44 -16.19 18.41
C VAL B 190 -6.77 -15.06 17.62
N VAL B 191 -6.79 -13.84 18.16
CA VAL B 191 -6.06 -12.74 17.53
C VAL B 191 -4.56 -13.00 17.58
N HIS B 192 -4.05 -13.49 18.72
CA HIS B 192 -2.63 -13.78 18.81
C HIS B 192 -2.18 -14.79 17.77
N GLN B 193 -3.04 -15.78 17.47
CA GLN B 193 -2.72 -16.75 16.42
C GLN B 193 -2.63 -16.09 15.05
N GLU B 194 -3.53 -15.15 14.74
CA GLU B 194 -3.46 -14.46 13.46
C GLU B 194 -2.13 -13.72 13.30
N HIS B 195 -1.63 -13.11 14.38
CA HIS B 195 -0.32 -12.47 14.35
C HIS B 195 0.78 -13.48 14.09
N VAL B 196 0.70 -14.63 14.76
CA VAL B 196 1.74 -15.65 14.63
C VAL B 196 1.74 -16.22 13.21
N ALA B 197 0.56 -16.35 12.60
CA ALA B 197 0.48 -16.87 11.24
C ALA B 197 1.21 -15.98 10.24
N VAL B 198 1.21 -14.66 10.44
CA VAL B 198 1.98 -13.79 9.56
C VAL B 198 3.47 -14.00 9.80
N TYR B 199 3.89 -14.03 11.07
CA TYR B 199 5.29 -14.33 11.37
C TYR B 199 5.73 -15.62 10.71
N ASP B 200 4.92 -16.66 10.81
CA ASP B 200 5.30 -17.99 10.33
C ASP B 200 5.52 -17.99 8.82
N ALA B 201 4.65 -17.30 8.07
CA ALA B 201 4.82 -17.23 6.62
C ALA B 201 6.03 -16.38 6.24
N ILE B 202 6.30 -15.30 7.00
CA ILE B 202 7.50 -14.51 6.74
C ILE B 202 8.76 -15.32 7.06
N LEU B 203 8.73 -16.06 8.17
CA LEU B 203 9.86 -16.95 8.51
C LEU B 203 10.13 -17.94 7.39
N ALA B 204 9.09 -18.57 6.85
CA ALA B 204 9.26 -19.54 5.77
C ALA B 204 9.74 -18.92 4.47
N GLY B 205 9.69 -17.60 4.33
CA GLY B 205 10.03 -16.99 3.05
C GLY B 205 9.00 -17.22 1.97
N ASP B 206 7.71 -17.24 2.33
CA ASP B 206 6.62 -17.54 1.41
C ASP B 206 5.79 -16.28 1.20
N PRO B 207 6.10 -15.46 0.19
CA PRO B 207 5.45 -14.13 0.11
C PRO B 207 3.95 -14.19 -0.15
N ASP B 208 3.45 -15.16 -0.91
CA ASP B 208 2.00 -15.25 -1.14
C ASP B 208 1.27 -15.61 0.14
N ARG B 209 1.80 -16.57 0.89
CA ARG B 209 1.19 -16.96 2.15
C ARG B 209 1.26 -15.82 3.16
N ALA B 210 2.37 -15.07 3.14
CA ALA B 210 2.52 -13.94 4.06
C ALA B 210 1.50 -12.86 3.76
N ARG B 211 1.30 -12.55 2.48
CA ARG B 211 0.31 -11.55 2.09
C ARG B 211 -1.09 -11.98 2.50
N LEU B 212 -1.43 -13.25 2.25
CA LEU B 212 -2.79 -13.71 2.57
C LEU B 212 -3.01 -13.77 4.08
N ALA B 213 -1.99 -14.18 4.84
CA ALA B 213 -2.12 -14.19 6.29
C ALA B 213 -2.25 -12.77 6.85
N ALA B 214 -1.54 -11.80 6.27
CA ALA B 214 -1.64 -10.43 6.77
C ALA B 214 -3.00 -9.83 6.46
N THR B 215 -3.53 -10.06 5.26
CA THR B 215 -4.83 -9.48 4.95
C THR B 215 -5.95 -10.21 5.68
N ARG B 216 -5.80 -11.51 5.93
CA ARG B 216 -6.80 -12.23 6.71
C ARG B 216 -6.91 -11.67 8.14
N HIS B 217 -5.78 -11.33 8.77
CA HIS B 217 -5.82 -10.70 10.09
C HIS B 217 -6.65 -9.43 10.08
N LEU B 218 -6.50 -8.62 9.04
CA LEU B 218 -7.22 -7.36 8.94
C LEU B 218 -8.69 -7.58 8.57
N GLN B 219 -8.97 -8.53 7.67
CA GLN B 219 -10.37 -8.85 7.35
C GLN B 219 -11.09 -9.44 8.55
N GLN B 220 -10.39 -10.23 9.37
CA GLN B 220 -11.01 -10.83 10.56
C GLN B 220 -11.21 -9.78 11.64
N ALA B 221 -10.24 -8.88 11.79
CA ALA B 221 -10.39 -7.78 12.75
C ALA B 221 -11.55 -6.87 12.35
N ALA B 222 -11.72 -6.63 11.05
CA ALA B 222 -12.83 -5.81 10.59
C ALA B 222 -14.15 -6.52 10.81
N SER B 223 -14.21 -7.82 10.52
CA SER B 223 -15.45 -8.54 10.71
C SER B 223 -15.80 -8.65 12.20
N ARG B 224 -14.80 -8.80 13.06
CA ARG B 224 -15.06 -8.76 14.49
C ARG B 224 -15.64 -7.41 14.90
N LEU B 225 -15.32 -6.34 14.15
CA LEU B 225 -15.85 -5.01 14.45
C LEU B 225 -17.11 -4.71 13.64
N ARG B 226 -17.62 -5.66 12.86
CA ARG B 226 -18.77 -5.50 11.97
C ARG B 226 -18.64 -4.25 11.10
N LEU B 227 -17.53 -4.18 10.37
CA LEU B 227 -17.23 -3.00 9.56
C LEU B 227 -17.77 -3.07 8.13
N ASP B 228 -17.94 -4.27 7.58
CA ASP B 228 -18.40 -4.43 6.20
C ASP B 228 -17.57 -3.62 5.20
N LEU B 229 -16.38 -4.11 4.87
CA LEU B 229 -15.51 -3.42 3.93
C LEU B 229 -15.96 -3.64 2.49
CL CL C . 1.62 9.35 -20.84
C1 2HG D . 9.37 13.19 2.45
O1 2HG D . 10.34 13.24 3.26
C2 2HG D . 7.93 13.18 2.97
O2 2HG D . 9.60 13.11 1.21
C3 2HG D . 7.27 14.55 2.73
O3 2HG D . 7.20 12.19 2.30
C4 2HG D . 6.78 15.17 4.04
O4 2HG D . 5.09 16.06 2.57
C5 2HG D . 5.47 15.91 3.77
O5 2HG D . 4.75 16.35 4.70
C1 2HG E . 5.04 6.43 -13.80
O1 2HG E . 5.93 6.05 -13.01
C2 2HG E . 5.37 6.83 -15.24
O2 2HG E . 3.85 6.55 -13.37
C3 2HG E . 6.31 5.87 -15.96
O3 2HG E . 4.16 6.93 -15.96
C4 2HG E . 6.71 6.59 -17.27
O4 2HG E . 7.89 4.54 -17.76
C5 2HG E . 7.62 5.70 -18.12
O5 2HG E . 8.10 6.14 -19.21
ZN ZN F . 2.36 6.74 -14.78
C1 2HG G . -5.05 -5.06 14.45
O1 2HG G . -3.91 -5.12 13.94
C2 2HG G . -5.35 -5.77 15.78
O2 2HG G . -5.95 -4.39 13.86
C3 2HG G . -6.68 -6.51 15.74
O3 2HG G . -4.38 -6.71 16.18
C4 2HG G . -6.94 -6.89 17.20
O4 2HG G . -8.96 -7.93 16.31
C5 2HG G . -8.32 -7.54 17.33
O5 2HG G . -8.81 -7.68 18.47
ZN ZN H . -2.59 -6.76 14.71
#